data_8WWC
#
_entry.id   8WWC
#
_cell.length_a   89.967
_cell.length_b   89.967
_cell.length_c   188.124
_cell.angle_alpha   90.000
_cell.angle_beta   90.000
_cell.angle_gamma   120.000
#
_symmetry.space_group_name_H-M   'P 63'
#
loop_
_entity.id
_entity.type
_entity.pdbx_description
1 polymer 'De novo design protein 120-4'
2 polymer 'GTPase HRas'
3 non-polymer 'PHOSPHOAMINOPHOSPHONIC ACID-GUANYLATE ESTER'
4 non-polymer 'MAGNESIUM ION'
#
loop_
_entity_poly.entity_id
_entity_poly.type
_entity_poly.pdbx_seq_one_letter_code
_entity_poly.pdbx_strand_id
1 'polypeptide(L)'
;GLTTPAHKNPEMLEEMKREAERLKAEVPEDVVCVVVRTTEVSEKKVVATAVLVFSNKQRTVIYAEGENIKEVADKLIKGL
KKALKVRNQELKKVKLVCPYPMGPKDKALMKELKKKLAEL
;
C,D
2 'polypeptide(L)'
;MTEYKLVVVGAGGVGKSALTIQLIQNHFVDEYDPTIEDSYRKQVVIDGETCLLDILDTAGQEEYSAMRDQYMRTGEGFLC
VFAINNTKSFEDIHQYREQIKRVKDSDDVPMVLVGNKCDLAARTVESRQAQDLARSYGIPYIETSAKTRQGVEDAFYTLV
REIRQH
;
A,B
#
loop_
_chem_comp.id
_chem_comp.type
_chem_comp.name
_chem_comp.formula
GNP non-polymer 'PHOSPHOAMINOPHOSPHONIC ACID-GUANYLATE ESTER' 'C10 H17 N6 O13 P3'
MG non-polymer 'MAGNESIUM ION' 'Mg 2'
#
# COMPACT_ATOMS: atom_id res chain seq x y z
N ALA A 6 -26.21 25.01 -22.19
CA ALA A 6 -27.57 25.15 -21.71
C ALA A 6 -27.58 25.71 -20.28
N HIS A 7 -28.26 25.02 -19.37
CA HIS A 7 -28.26 25.41 -17.97
C HIS A 7 -27.03 24.91 -17.23
N LYS A 8 -26.30 23.96 -17.80
CA LYS A 8 -25.10 23.38 -17.20
C LYS A 8 -23.88 23.67 -18.07
N ASN A 9 -23.76 24.91 -18.53
CA ASN A 9 -22.66 25.31 -19.39
C ASN A 9 -21.33 25.21 -18.64
N PRO A 10 -20.36 24.44 -19.14
CA PRO A 10 -19.06 24.38 -18.44
C PRO A 10 -18.31 25.70 -18.47
N GLU A 11 -18.41 26.46 -19.56
CA GLU A 11 -17.76 27.76 -19.64
C GLU A 11 -18.32 28.71 -18.57
N MET A 12 -19.65 28.71 -18.43
CA MET A 12 -20.27 29.47 -17.35
C MET A 12 -19.69 29.07 -16.01
N LEU A 13 -19.65 27.76 -15.73
CA LEU A 13 -19.11 27.25 -14.47
C LEU A 13 -17.71 27.78 -14.22
N GLU A 14 -16.84 27.69 -15.23
CA GLU A 14 -15.46 28.14 -15.07
C GLU A 14 -15.42 29.64 -14.77
N GLU A 15 -16.27 30.43 -15.41
CA GLU A 15 -16.33 31.85 -15.10
C GLU A 15 -16.74 32.08 -13.65
N MET A 16 -17.74 31.34 -13.17
CA MET A 16 -18.18 31.48 -11.78
C MET A 16 -17.07 31.10 -10.82
N LYS A 17 -16.32 30.04 -11.13
CA LYS A 17 -15.21 29.62 -10.27
C LYS A 17 -14.11 30.67 -10.23
N ARG A 18 -13.76 31.24 -11.39
CA ARG A 18 -12.74 32.29 -11.40
C ARG A 18 -13.18 33.49 -10.59
N GLU A 19 -14.44 33.90 -10.76
CA GLU A 19 -14.97 35.00 -9.96
C GLU A 19 -14.88 34.69 -8.47
N ALA A 20 -15.33 33.49 -8.07
CA ALA A 20 -15.32 33.12 -6.66
C ALA A 20 -13.90 33.07 -6.11
N GLU A 21 -12.94 32.64 -6.93
CA GLU A 21 -11.54 32.68 -6.52
C GLU A 21 -11.09 34.10 -6.24
N ARG A 22 -11.45 35.03 -7.12
CA ARG A 22 -11.12 36.44 -6.87
C ARG A 22 -11.76 36.94 -5.59
N LEU A 23 -13.04 36.60 -5.37
CA LEU A 23 -13.73 37.01 -4.15
C LEU A 23 -13.02 36.47 -2.92
N LYS A 24 -12.66 35.18 -2.94
CA LYS A 24 -11.95 34.60 -1.80
C LYS A 24 -10.61 35.28 -1.57
N ALA A 25 -9.92 35.63 -2.65
CA ALA A 25 -8.65 36.34 -2.50
C ALA A 25 -8.85 37.73 -1.90
N GLU A 26 -10.01 38.35 -2.12
CA GLU A 26 -10.23 39.69 -1.60
C GLU A 26 -10.57 39.69 -0.11
N VAL A 27 -11.68 39.06 0.27
CA VAL A 27 -12.18 39.06 1.64
C VAL A 27 -11.31 38.13 2.47
N PRO A 28 -11.16 38.35 3.80
CA PRO A 28 -10.36 37.44 4.64
C PRO A 28 -10.62 35.95 4.43
N GLU A 29 -9.65 35.14 4.85
CA GLU A 29 -9.62 33.72 4.49
C GLU A 29 -10.78 32.95 5.12
N ASP A 30 -11.13 33.27 6.37
CA ASP A 30 -12.11 32.47 7.09
C ASP A 30 -13.52 32.58 6.51
N VAL A 31 -13.76 33.52 5.61
CA VAL A 31 -15.09 33.75 5.06
C VAL A 31 -15.27 32.89 3.82
N VAL A 32 -16.39 32.16 3.78
CA VAL A 32 -16.74 31.35 2.61
C VAL A 32 -17.31 32.25 1.53
N CYS A 33 -16.89 32.03 0.28
CA CYS A 33 -17.34 32.83 -0.84
C CYS A 33 -18.18 31.98 -1.78
N VAL A 34 -19.38 32.45 -2.10
CA VAL A 34 -20.32 31.70 -2.91
C VAL A 34 -20.78 32.54 -4.10
N VAL A 35 -20.96 31.88 -5.24
CA VAL A 35 -21.50 32.50 -6.44
C VAL A 35 -22.66 31.63 -6.91
N VAL A 36 -23.84 32.23 -7.04
CA VAL A 36 -25.07 31.50 -7.32
C VAL A 36 -25.70 32.01 -8.60
N ARG A 37 -26.28 31.10 -9.37
CA ARG A 37 -26.99 31.41 -10.60
C ARG A 37 -28.26 30.58 -10.66
N THR A 38 -29.28 31.13 -11.31
CA THR A 38 -30.59 30.49 -11.41
C THR A 38 -31.03 30.41 -12.87
N THR A 39 -31.54 29.23 -13.25
CA THR A 39 -32.15 29.01 -14.55
C THR A 39 -33.62 28.65 -14.33
N GLU A 40 -34.52 29.38 -14.96
CA GLU A 40 -35.96 29.19 -14.78
C GLU A 40 -36.52 28.31 -15.89
N VAL A 41 -36.08 27.05 -15.92
CA VAL A 41 -36.55 26.12 -16.94
C VAL A 41 -38.01 25.81 -16.67
N SER A 42 -38.88 26.17 -17.62
CA SER A 42 -40.32 26.14 -17.45
C SER A 42 -40.70 26.92 -16.20
N GLU A 43 -41.61 26.36 -15.40
CA GLU A 43 -41.98 26.94 -14.12
C GLU A 43 -41.75 25.99 -12.94
N LYS A 44 -41.74 24.69 -13.18
CA LYS A 44 -41.41 23.71 -12.16
C LYS A 44 -39.98 23.21 -12.28
N LYS A 45 -39.13 23.91 -13.04
CA LYS A 45 -37.76 23.49 -13.28
C LYS A 45 -36.79 24.63 -12.92
N VAL A 46 -36.92 25.15 -11.71
CA VAL A 46 -35.98 26.14 -11.21
C VAL A 46 -34.70 25.40 -10.82
N VAL A 47 -33.61 25.67 -11.54
CA VAL A 47 -32.32 25.02 -11.31
C VAL A 47 -31.35 26.05 -10.78
N ALA A 48 -30.69 25.71 -9.67
CA ALA A 48 -29.73 26.60 -9.03
C ALA A 48 -28.34 25.99 -9.04
N THR A 49 -27.36 26.79 -9.43
CA THR A 49 -25.95 26.41 -9.43
C THR A 49 -25.19 27.30 -8.46
N ALA A 50 -24.41 26.69 -7.58
CA ALA A 50 -23.63 27.43 -6.60
C ALA A 50 -22.19 26.95 -6.59
N VAL A 51 -21.26 27.89 -6.52
CA VAL A 51 -19.83 27.62 -6.40
C VAL A 51 -19.36 28.18 -5.07
N LEU A 52 -18.71 27.34 -4.27
CA LEU A 52 -18.33 27.67 -2.90
C LEU A 52 -16.83 27.50 -2.73
N VAL A 53 -16.18 28.51 -2.16
CA VAL A 53 -14.77 28.48 -1.82
C VAL A 53 -14.63 28.67 -0.32
N PHE A 54 -13.90 27.77 0.33
CA PHE A 54 -13.75 27.75 1.77
C PHE A 54 -12.39 28.31 2.18
N SER A 55 -12.07 28.19 3.48
CA SER A 55 -10.88 28.82 4.02
C SER A 55 -9.61 28.12 3.54
N ASN A 56 -9.48 26.82 3.83
CA ASN A 56 -8.24 26.09 3.56
C ASN A 56 -8.16 25.66 2.09
N LYS A 57 -8.33 26.64 1.20
CA LYS A 57 -8.16 26.46 -0.24
C LYS A 57 -8.96 25.25 -0.75
N GLN A 58 -10.23 25.20 -0.36
CA GLN A 58 -11.10 24.11 -0.76
C GLN A 58 -12.34 24.67 -1.46
N ARG A 59 -12.97 23.82 -2.26
CA ARG A 59 -14.00 24.29 -3.19
C ARG A 59 -15.04 23.19 -3.37
N THR A 60 -16.25 23.61 -3.77
CA THR A 60 -17.28 22.65 -4.12
C THR A 60 -18.33 23.32 -4.99
N VAL A 61 -19.01 22.52 -5.81
CA VAL A 61 -20.07 23.00 -6.69
C VAL A 61 -21.35 22.22 -6.35
N ILE A 62 -22.44 22.95 -6.14
CA ILE A 62 -23.70 22.39 -5.67
C ILE A 62 -24.80 22.75 -6.66
N TYR A 63 -25.73 21.80 -6.87
CA TYR A 63 -26.89 22.00 -7.73
C TYR A 63 -28.17 21.78 -6.92
N ALA A 64 -29.26 22.37 -7.42
CA ALA A 64 -30.58 22.09 -6.85
C ALA A 64 -31.63 22.22 -7.93
N GLU A 65 -32.51 21.23 -8.01
CA GLU A 65 -33.62 21.22 -8.97
C GLU A 65 -34.93 21.27 -8.18
N GLY A 66 -35.50 22.48 -8.06
CA GLY A 66 -36.74 22.67 -7.36
C GLY A 66 -37.84 23.20 -8.28
N GLU A 67 -39.02 23.37 -7.67
CA GLU A 67 -40.15 24.00 -8.34
C GLU A 67 -40.46 25.39 -7.82
N ASN A 68 -40.01 25.72 -6.61
CA ASN A 68 -40.13 27.05 -6.04
C ASN A 68 -38.77 27.45 -5.48
N ILE A 69 -38.64 28.74 -5.18
CA ILE A 69 -37.37 29.25 -4.63
C ILE A 69 -37.10 28.62 -3.26
N LYS A 70 -38.15 28.26 -2.52
CA LYS A 70 -37.98 27.71 -1.18
C LYS A 70 -37.27 26.35 -1.22
N GLU A 71 -37.71 25.46 -2.10
CA GLU A 71 -37.08 24.15 -2.20
C GLU A 71 -35.62 24.27 -2.65
N VAL A 72 -35.37 25.17 -3.62
CA VAL A 72 -34.02 25.41 -4.09
C VAL A 72 -33.14 25.88 -2.94
N ALA A 73 -33.63 26.83 -2.15
CA ALA A 73 -32.85 27.34 -1.03
C ALA A 73 -32.60 26.26 0.02
N ASP A 74 -33.61 25.44 0.30
CA ASP A 74 -33.43 24.34 1.25
C ASP A 74 -32.31 23.40 0.80
N LYS A 75 -32.34 23.00 -0.48
CA LYS A 75 -31.30 22.11 -0.98
C LYS A 75 -29.93 22.79 -0.95
N LEU A 76 -29.87 24.07 -1.30
CA LEU A 76 -28.61 24.81 -1.26
C LEU A 76 -28.02 24.81 0.15
N ILE A 77 -28.85 25.11 1.16
CA ILE A 77 -28.35 25.19 2.53
C ILE A 77 -27.93 23.81 3.02
N LYS A 78 -28.66 22.77 2.64
CA LYS A 78 -28.27 21.41 3.02
C LYS A 78 -26.90 21.06 2.45
N GLY A 79 -26.69 21.37 1.17
CA GLY A 79 -25.38 21.12 0.58
C GLY A 79 -24.27 21.92 1.24
N LEU A 80 -24.58 23.18 1.59
CA LEU A 80 -23.60 24.00 2.30
C LEU A 80 -23.18 23.35 3.60
N LYS A 81 -24.15 22.96 4.42
CA LYS A 81 -23.84 22.35 5.71
C LYS A 81 -23.07 21.05 5.54
N LYS A 82 -23.43 20.25 4.54
CA LYS A 82 -22.71 19.01 4.27
C LYS A 82 -21.25 19.28 3.94
N ALA A 83 -21.01 20.22 3.03
CA ALA A 83 -19.64 20.53 2.62
C ALA A 83 -18.86 21.26 3.71
N LEU A 84 -19.53 21.82 4.71
CA LEU A 84 -18.82 22.33 5.88
C LEU A 84 -18.40 21.18 6.79
N LYS A 85 -19.36 20.33 7.18
CA LYS A 85 -19.07 19.29 8.15
C LYS A 85 -18.04 18.30 7.62
N VAL A 86 -18.16 17.90 6.36
CA VAL A 86 -17.26 16.89 5.81
C VAL A 86 -15.85 17.41 5.60
N ARG A 87 -15.65 18.72 5.64
CA ARG A 87 -14.33 19.31 5.54
C ARG A 87 -13.81 19.80 6.90
N ASN A 88 -14.53 19.47 7.98
CA ASN A 88 -14.16 19.87 9.33
C ASN A 88 -14.03 21.39 9.45
N GLN A 89 -15.11 22.08 9.07
CA GLN A 89 -15.16 23.53 9.09
C GLN A 89 -16.53 23.98 9.57
N GLU A 90 -16.60 25.24 10.01
CA GLU A 90 -17.82 25.84 10.50
C GLU A 90 -18.08 27.14 9.76
N LEU A 91 -19.31 27.63 9.87
CA LEU A 91 -19.75 28.82 9.14
C LEU A 91 -19.28 30.07 9.87
N LYS A 92 -18.30 30.76 9.29
CA LYS A 92 -17.84 32.05 9.82
C LYS A 92 -18.67 33.20 9.25
N LYS A 93 -18.65 33.35 7.92
CA LYS A 93 -19.46 34.34 7.22
C LYS A 93 -19.45 33.97 5.74
N VAL A 94 -20.38 34.59 5.00
CA VAL A 94 -20.57 34.27 3.58
C VAL A 94 -20.89 35.55 2.81
N LYS A 95 -20.85 35.43 1.48
CA LYS A 95 -21.17 36.55 0.59
C LYS A 95 -21.61 35.96 -0.74
N LEU A 96 -22.83 36.27 -1.17
CA LEU A 96 -23.42 35.69 -2.37
C LEU A 96 -23.53 36.75 -3.46
N VAL A 97 -22.98 36.44 -4.64
CA VAL A 97 -23.04 37.33 -5.79
C VAL A 97 -23.51 36.55 -7.01
N CYS A 98 -24.13 37.27 -7.94
CA CYS A 98 -24.49 36.76 -9.26
C CYS A 98 -23.83 37.68 -10.26
N PRO A 99 -22.77 37.25 -10.91
CA PRO A 99 -21.82 38.22 -11.50
C PRO A 99 -22.45 39.19 -12.48
N TYR A 100 -22.93 38.68 -13.63
CA TYR A 100 -23.54 39.58 -14.62
C TYR A 100 -25.07 39.76 -14.59
N PRO A 101 -25.87 38.70 -14.87
CA PRO A 101 -27.30 38.92 -15.11
C PRO A 101 -28.21 38.68 -13.90
N MET A 102 -28.22 39.54 -12.89
CA MET A 102 -29.23 39.34 -11.86
C MET A 102 -30.60 39.51 -12.51
N GLY A 103 -31.38 38.44 -12.58
CA GLY A 103 -32.57 38.45 -13.40
C GLY A 103 -33.80 37.85 -12.75
N PRO A 104 -34.43 36.88 -13.44
CA PRO A 104 -35.79 36.45 -13.05
C PRO A 104 -35.91 35.98 -11.61
N LYS A 105 -34.95 35.21 -11.12
CA LYS A 105 -35.05 34.68 -9.76
C LYS A 105 -33.73 34.72 -9.01
N ASP A 106 -32.72 35.44 -9.52
CA ASP A 106 -31.45 35.54 -8.81
C ASP A 106 -31.60 36.37 -7.54
N LYS A 107 -32.27 37.52 -7.63
CA LYS A 107 -32.44 38.39 -6.47
C LYS A 107 -33.28 37.73 -5.39
N ALA A 108 -34.37 37.05 -5.78
CA ALA A 108 -35.21 36.36 -4.81
C ALA A 108 -34.44 35.23 -4.13
N LEU A 109 -33.64 34.49 -4.91
CA LEU A 109 -32.83 33.43 -4.33
C LEU A 109 -31.82 34.00 -3.34
N MET A 110 -31.21 35.14 -3.68
CA MET A 110 -30.27 35.77 -2.75
C MET A 110 -30.97 36.22 -1.48
N LYS A 111 -32.17 36.81 -1.61
CA LYS A 111 -32.90 37.22 -0.43
C LYS A 111 -33.22 36.03 0.47
N GLU A 112 -33.65 34.92 -0.13
CA GLU A 112 -33.93 33.72 0.66
C GLU A 112 -32.67 33.16 1.30
N LEU A 113 -31.56 33.15 0.57
CA LEU A 113 -30.32 32.62 1.11
C LEU A 113 -29.82 33.45 2.28
N LYS A 114 -29.84 34.78 2.13
CA LYS A 114 -29.43 35.64 3.24
C LYS A 114 -30.40 35.56 4.40
N LYS A 115 -31.68 35.31 4.13
CA LYS A 115 -32.64 35.14 5.22
C LYS A 115 -32.31 33.90 6.04
N LYS A 116 -32.01 32.78 5.36
CA LYS A 116 -31.65 31.53 6.04
C LYS A 116 -30.15 31.55 6.36
N LEU A 117 -29.80 32.42 7.30
CA LEU A 117 -28.40 32.57 7.71
C LEU A 117 -28.19 32.45 9.22
N ALA A 118 -29.11 32.97 10.02
CA ALA A 118 -28.94 32.98 11.47
C ALA A 118 -29.92 32.03 12.16
N MET B 1 7.19 20.63 4.43
CA MET B 1 6.24 19.61 4.01
C MET B 1 6.10 19.60 2.49
N THR B 2 5.66 18.46 1.94
CA THR B 2 5.56 18.29 0.50
C THR B 2 4.09 18.19 0.10
N GLU B 3 3.73 18.86 -1.00
CA GLU B 3 2.34 18.94 -1.46
C GLU B 3 2.13 18.02 -2.65
N TYR B 4 1.16 17.13 -2.55
CA TYR B 4 0.83 16.17 -3.60
C TYR B 4 -0.58 16.43 -4.10
N LYS B 5 -0.71 16.67 -5.41
CA LYS B 5 -2.00 16.93 -6.04
C LYS B 5 -2.53 15.61 -6.61
N LEU B 6 -3.58 15.08 -5.99
CA LEU B 6 -4.24 13.86 -6.43
C LEU B 6 -5.60 14.20 -7.02
N VAL B 7 -5.96 13.48 -8.08
CA VAL B 7 -7.26 13.64 -8.73
C VAL B 7 -7.93 12.28 -8.78
N VAL B 8 -9.16 12.20 -8.26
CA VAL B 8 -9.92 10.97 -8.25
C VAL B 8 -10.95 11.03 -9.37
N VAL B 9 -10.82 10.12 -10.33
CA VAL B 9 -11.65 10.09 -11.54
C VAL B 9 -12.16 8.67 -11.75
N GLY B 10 -13.22 8.58 -12.52
CA GLY B 10 -13.86 7.30 -12.79
C GLY B 10 -15.32 7.52 -13.13
N ALA B 11 -15.98 6.41 -13.46
CA ALA B 11 -17.39 6.47 -13.86
C ALA B 11 -18.27 6.85 -12.66
N GLY B 12 -19.48 7.32 -12.98
CA GLY B 12 -20.38 7.75 -11.94
C GLY B 12 -20.89 6.59 -11.10
N GLY B 13 -20.89 6.79 -9.79
CA GLY B 13 -21.40 5.80 -8.85
C GLY B 13 -20.40 4.78 -8.36
N VAL B 14 -19.16 4.79 -8.87
CA VAL B 14 -18.18 3.80 -8.44
C VAL B 14 -17.72 4.04 -7.01
N GLY B 15 -17.91 5.24 -6.48
CA GLY B 15 -17.57 5.51 -5.09
C GLY B 15 -16.35 6.39 -4.89
N LYS B 16 -16.09 7.29 -5.84
CA LYS B 16 -14.98 8.23 -5.68
C LYS B 16 -15.20 9.14 -4.48
N SER B 17 -16.39 9.73 -4.38
CA SER B 17 -16.69 10.60 -3.24
C SER B 17 -16.68 9.82 -1.94
N ALA B 18 -17.18 8.59 -1.95
CA ALA B 18 -17.17 7.77 -0.75
C ALA B 18 -15.74 7.50 -0.29
N LEU B 19 -14.85 7.16 -1.23
CA LEU B 19 -13.46 6.90 -0.87
C LEU B 19 -12.79 8.16 -0.32
N THR B 20 -12.99 9.30 -0.97
CA THR B 20 -12.37 10.54 -0.50
C THR B 20 -12.89 10.94 0.86
N ILE B 21 -14.20 10.81 1.09
CA ILE B 21 -14.78 11.19 2.38
C ILE B 21 -14.31 10.22 3.45
N GLN B 22 -14.18 8.93 3.12
CA GLN B 22 -13.65 7.96 4.08
C GLN B 22 -12.22 8.31 4.47
N LEU B 23 -11.40 8.73 3.51
CA LEU B 23 -10.04 9.10 3.83
C LEU B 23 -9.98 10.37 4.68
N ILE B 24 -10.82 11.36 4.36
CA ILE B 24 -10.71 12.65 5.03
C ILE B 24 -11.32 12.60 6.42
N GLN B 25 -12.50 12.01 6.56
CA GLN B 25 -13.29 12.11 7.77
C GLN B 25 -13.45 10.77 8.50
N ASN B 26 -12.92 9.68 7.96
CA ASN B 26 -13.12 8.34 8.51
C ASN B 26 -14.61 8.00 8.61
N HIS B 27 -15.40 8.51 7.66
CA HIS B 27 -16.84 8.31 7.63
C HIS B 27 -17.24 7.79 6.27
N PHE B 28 -18.27 6.94 6.24
CA PHE B 28 -18.78 6.37 5.01
C PHE B 28 -20.16 6.95 4.71
N VAL B 29 -20.35 7.41 3.48
CA VAL B 29 -21.63 7.93 3.05
C VAL B 29 -22.42 6.80 2.39
N ASP B 30 -23.67 6.61 2.82
CA ASP B 30 -24.57 5.64 2.23
C ASP B 30 -25.54 6.28 1.25
N GLU B 31 -25.47 7.59 1.07
CA GLU B 31 -26.34 8.32 0.15
C GLU B 31 -25.57 8.62 -1.13
N TYR B 32 -26.27 8.48 -2.26
CA TYR B 32 -25.68 8.77 -3.57
C TYR B 32 -25.99 10.23 -3.89
N ASP B 33 -24.97 11.08 -3.75
CA ASP B 33 -25.05 12.48 -4.11
C ASP B 33 -24.09 12.75 -5.25
N PRO B 34 -24.57 12.84 -6.49
CA PRO B 34 -23.65 13.01 -7.63
C PRO B 34 -22.80 14.26 -7.49
N THR B 35 -21.53 14.14 -7.88
CA THR B 35 -20.55 15.19 -7.72
C THR B 35 -20.36 15.94 -9.03
N ILE B 36 -19.98 17.21 -8.91
CA ILE B 36 -19.52 18.02 -10.03
C ILE B 36 -18.04 18.31 -9.93
N GLU B 37 -17.61 18.88 -8.81
CA GLU B 37 -16.20 19.10 -8.53
C GLU B 37 -16.01 19.42 -7.04
N ASP B 38 -15.18 18.64 -6.34
CA ASP B 38 -14.94 18.89 -4.92
C ASP B 38 -13.44 18.91 -4.65
N SER B 39 -13.05 19.75 -3.69
CA SER B 39 -11.65 19.92 -3.31
C SER B 39 -11.49 19.67 -1.82
N TYR B 40 -10.50 18.86 -1.47
CA TYR B 40 -10.22 18.53 -0.08
C TYR B 40 -8.72 18.64 0.16
N ARG B 41 -8.35 18.96 1.40
CA ARG B 41 -6.95 19.05 1.81
C ARG B 41 -6.76 18.24 3.07
N LYS B 42 -5.69 17.44 3.12
CA LYS B 42 -5.45 16.57 4.27
C LYS B 42 -3.97 16.52 4.58
N GLN B 43 -3.61 16.75 5.84
CA GLN B 43 -2.23 16.63 6.30
C GLN B 43 -2.00 15.20 6.78
N VAL B 44 -1.00 14.53 6.21
CA VAL B 44 -0.73 13.13 6.50
C VAL B 44 0.78 12.95 6.63
N VAL B 45 1.18 11.86 7.28
CA VAL B 45 2.58 11.48 7.39
C VAL B 45 2.76 10.17 6.64
N ILE B 46 3.51 10.20 5.55
CA ILE B 46 3.76 9.04 4.71
C ILE B 46 5.27 8.77 4.70
N ASP B 47 5.66 7.57 5.13
CA ASP B 47 7.05 7.14 5.13
C ASP B 47 7.94 8.15 5.87
N GLY B 48 7.41 8.68 6.98
CA GLY B 48 8.15 9.61 7.81
C GLY B 48 8.17 11.04 7.31
N GLU B 49 7.54 11.32 6.17
CA GLU B 49 7.56 12.65 5.57
C GLU B 49 6.17 13.27 5.65
N THR B 50 6.12 14.55 6.03
CA THR B 50 4.85 15.24 6.18
C THR B 50 4.37 15.78 4.84
N CYS B 51 3.22 15.29 4.40
CA CYS B 51 2.64 15.64 3.11
C CYS B 51 1.30 16.34 3.32
N LEU B 52 1.01 17.24 2.40
CA LEU B 52 -0.31 17.83 2.24
C LEU B 52 -0.90 17.24 0.97
N LEU B 53 -1.92 16.41 1.14
CA LEU B 53 -2.63 15.83 0.00
C LEU B 53 -3.76 16.76 -0.40
N ASP B 54 -3.68 17.31 -1.61
CA ASP B 54 -4.75 18.10 -2.21
C ASP B 54 -5.52 17.15 -3.13
N ILE B 55 -6.66 16.67 -2.66
CA ILE B 55 -7.46 15.68 -3.37
C ILE B 55 -8.59 16.39 -4.10
N LEU B 56 -8.74 16.07 -5.39
CA LEU B 56 -9.78 16.67 -6.22
C LEU B 56 -10.71 15.56 -6.68
N ASP B 57 -11.93 15.57 -6.17
CA ASP B 57 -12.96 14.60 -6.54
C ASP B 57 -13.67 15.11 -7.79
N THR B 58 -13.62 14.33 -8.88
CA THR B 58 -14.21 14.76 -10.13
C THR B 58 -15.61 14.17 -10.32
N ALA B 59 -16.26 14.60 -11.40
CA ALA B 59 -17.59 14.13 -11.75
C ALA B 59 -17.49 12.95 -12.71
N GLY B 60 -18.18 11.86 -12.37
CA GLY B 60 -18.20 10.69 -13.23
C GLY B 60 -19.26 10.69 -14.30
N GLN B 61 -20.21 11.60 -14.23
CA GLN B 61 -21.30 11.63 -15.21
C GLN B 61 -20.81 12.16 -16.56
N GLU B 62 -21.58 11.83 -17.61
CA GLU B 62 -21.22 12.29 -18.94
C GLU B 62 -21.23 13.80 -19.05
N GLU B 63 -22.01 14.47 -18.21
CA GLU B 63 -21.99 15.92 -18.14
C GLU B 63 -20.74 16.39 -17.40
N TYR B 64 -20.39 17.66 -17.61
CA TYR B 64 -19.18 18.27 -17.05
C TYR B 64 -17.93 17.51 -17.48
N SER B 65 -17.93 16.95 -18.68
CA SER B 65 -16.76 16.30 -19.24
C SER B 65 -15.84 17.27 -19.97
N ALA B 66 -16.25 18.53 -20.15
CA ALA B 66 -15.38 19.54 -20.71
C ALA B 66 -14.42 20.11 -19.67
N MET B 67 -14.68 19.89 -18.39
CA MET B 67 -13.79 20.33 -17.32
C MET B 67 -12.64 19.37 -17.09
N ARG B 68 -12.60 18.25 -17.83
CA ARG B 68 -11.54 17.27 -17.62
C ARG B 68 -10.18 17.83 -17.98
N ASP B 69 -10.07 18.60 -19.07
CA ASP B 69 -8.77 19.01 -19.56
C ASP B 69 -7.98 19.79 -18.51
N GLN B 70 -8.65 20.72 -17.81
CA GLN B 70 -7.95 21.57 -16.85
C GLN B 70 -7.39 20.74 -15.69
N TYR B 71 -8.22 19.90 -15.08
CA TYR B 71 -7.74 19.15 -13.92
C TYR B 71 -6.79 18.02 -14.31
N MET B 72 -6.96 17.45 -15.51
CA MET B 72 -5.98 16.51 -16.04
C MET B 72 -4.70 17.22 -16.45
N ARG B 73 -4.69 18.54 -16.52
CA ARG B 73 -3.44 19.25 -16.68
C ARG B 73 -2.80 19.60 -15.34
N THR B 74 -3.61 19.94 -14.33
CA THR B 74 -3.07 20.42 -13.07
C THR B 74 -2.60 19.28 -12.17
N GLY B 75 -3.41 18.23 -12.04
CA GLY B 75 -3.11 17.18 -11.08
C GLY B 75 -1.87 16.39 -11.44
N GLU B 76 -1.18 15.90 -10.41
CA GLU B 76 0.02 15.10 -10.56
C GLU B 76 -0.23 13.60 -10.50
N GLY B 77 -1.11 13.15 -9.61
CA GLY B 77 -1.45 11.74 -9.50
C GLY B 77 -2.92 11.54 -9.77
N PHE B 78 -3.27 10.33 -10.22
CA PHE B 78 -4.64 10.04 -10.64
C PHE B 78 -5.08 8.69 -10.09
N LEU B 79 -6.15 8.70 -9.30
CA LEU B 79 -6.84 7.49 -8.88
C LEU B 79 -7.93 7.19 -9.90
N CYS B 80 -7.70 6.18 -10.73
CA CYS B 80 -8.71 5.70 -11.68
C CYS B 80 -9.54 4.63 -10.99
N VAL B 81 -10.79 4.95 -10.66
CA VAL B 81 -11.63 4.10 -9.83
C VAL B 81 -12.71 3.47 -10.69
N PHE B 82 -12.95 2.17 -10.47
CA PHE B 82 -14.10 1.47 -10.99
C PHE B 82 -14.68 0.60 -9.88
N ALA B 83 -15.88 0.09 -10.11
CA ALA B 83 -16.57 -0.76 -9.15
C ALA B 83 -16.52 -2.20 -9.61
N ILE B 84 -16.09 -3.10 -8.73
CA ILE B 84 -16.00 -4.51 -9.07
C ILE B 84 -17.36 -5.11 -9.40
N ASN B 85 -18.44 -4.50 -8.93
CA ASN B 85 -19.79 -4.92 -9.26
C ASN B 85 -20.37 -4.14 -10.43
N ASN B 86 -19.52 -3.42 -11.17
CA ASN B 86 -19.95 -2.63 -12.32
C ASN B 86 -18.97 -2.91 -13.47
N THR B 87 -19.34 -3.85 -14.35
CA THR B 87 -18.48 -4.17 -15.48
C THR B 87 -18.28 -2.98 -16.38
N LYS B 88 -19.35 -2.22 -16.66
CA LYS B 88 -19.25 -1.07 -17.54
C LYS B 88 -18.27 -0.03 -16.99
N SER B 89 -18.30 0.19 -15.67
CA SER B 89 -17.37 1.13 -15.06
C SER B 89 -15.92 0.68 -15.26
N PHE B 90 -15.68 -0.62 -15.16
CA PHE B 90 -14.34 -1.14 -15.46
C PHE B 90 -13.98 -0.90 -16.92
N GLU B 91 -14.94 -1.08 -17.82
CA GLU B 91 -14.71 -0.80 -19.24
C GLU B 91 -14.54 0.69 -19.51
N ASP B 92 -14.96 1.54 -18.59
CA ASP B 92 -14.84 3.00 -18.77
C ASP B 92 -13.47 3.53 -18.38
N ILE B 93 -12.62 2.71 -17.78
CA ILE B 93 -11.33 3.20 -17.28
C ILE B 93 -10.43 3.64 -18.43
N HIS B 94 -10.51 2.93 -19.56
CA HIS B 94 -9.58 3.20 -20.67
C HIS B 94 -9.75 4.62 -21.21
N GLN B 95 -10.99 5.12 -21.26
CA GLN B 95 -11.23 6.46 -21.76
C GLN B 95 -10.56 7.51 -20.88
N TYR B 96 -10.69 7.37 -19.56
CA TYR B 96 -10.00 8.28 -18.64
C TYR B 96 -8.50 8.16 -18.78
N ARG B 97 -7.99 6.94 -18.86
CA ARG B 97 -6.54 6.74 -18.97
C ARG B 97 -5.99 7.37 -20.24
N GLU B 98 -6.69 7.20 -21.36
CA GLU B 98 -6.24 7.78 -22.62
C GLU B 98 -6.32 9.30 -22.60
N GLN B 99 -7.38 9.85 -21.99
CA GLN B 99 -7.47 11.30 -21.87
C GLN B 99 -6.31 11.85 -21.05
N ILE B 100 -6.00 11.21 -19.93
CA ILE B 100 -4.86 11.65 -19.11
C ILE B 100 -3.58 11.53 -19.89
N LYS B 101 -3.39 10.42 -20.62
CA LYS B 101 -2.17 10.20 -21.37
C LYS B 101 -1.98 11.29 -22.44
N ARG B 102 -3.05 11.65 -23.13
CA ARG B 102 -2.91 12.64 -24.21
C ARG B 102 -2.78 14.06 -23.66
N VAL B 103 -3.47 14.38 -22.56
CA VAL B 103 -3.35 15.72 -21.99
C VAL B 103 -1.96 15.92 -21.37
N LYS B 104 -1.51 14.95 -20.58
CA LYS B 104 -0.15 15.00 -20.03
C LYS B 104 0.92 14.86 -21.11
N ASP B 105 0.56 14.36 -22.28
CA ASP B 105 1.52 14.11 -23.36
C ASP B 105 2.65 13.18 -22.89
N SER B 106 2.28 12.20 -22.06
CA SER B 106 3.26 11.27 -21.51
C SER B 106 2.58 9.95 -21.20
N ASP B 107 3.31 8.85 -21.45
CA ASP B 107 2.84 7.54 -21.04
C ASP B 107 3.10 7.27 -19.57
N ASP B 108 4.10 7.94 -19.00
CA ASP B 108 4.46 7.77 -17.59
C ASP B 108 3.78 8.87 -16.79
N VAL B 109 2.52 8.61 -16.45
CA VAL B 109 1.74 9.48 -15.58
C VAL B 109 1.43 8.71 -14.30
N PRO B 110 1.74 9.25 -13.13
CA PRO B 110 1.46 8.52 -11.88
C PRO B 110 -0.03 8.21 -11.74
N MET B 111 -0.35 6.92 -11.75
CA MET B 111 -1.73 6.47 -11.66
C MET B 111 -1.78 5.18 -10.84
N VAL B 112 -2.93 4.94 -10.23
CA VAL B 112 -3.23 3.68 -9.56
C VAL B 112 -4.64 3.25 -9.98
N LEU B 113 -4.77 2.01 -10.42
CA LEU B 113 -6.08 1.46 -10.72
C LEU B 113 -6.72 0.97 -9.43
N VAL B 114 -7.96 1.38 -9.18
CA VAL B 114 -8.63 1.13 -7.92
C VAL B 114 -9.93 0.39 -8.19
N GLY B 115 -10.04 -0.83 -7.65
CA GLY B 115 -11.29 -1.57 -7.69
C GLY B 115 -12.07 -1.36 -6.41
N ASN B 116 -13.04 -0.46 -6.45
CA ASN B 116 -13.80 -0.10 -5.26
C ASN B 116 -14.93 -1.10 -5.00
N LYS B 117 -15.56 -0.96 -3.84
CA LYS B 117 -16.73 -1.76 -3.44
C LYS B 117 -16.38 -3.24 -3.33
N CYS B 118 -15.16 -3.57 -2.92
CA CYS B 118 -14.76 -4.96 -2.78
C CYS B 118 -15.49 -5.67 -1.65
N ASP B 119 -16.19 -4.94 -0.80
CA ASP B 119 -17.00 -5.56 0.25
C ASP B 119 -18.22 -6.28 -0.30
N LEU B 120 -18.66 -5.93 -1.51
CA LEU B 120 -19.85 -6.53 -2.11
C LEU B 120 -19.51 -7.86 -2.77
N ALA B 121 -20.49 -8.77 -2.75
CA ALA B 121 -20.32 -10.11 -3.31
C ALA B 121 -20.83 -10.23 -4.74
N ALA B 122 -21.42 -9.17 -5.30
CA ALA B 122 -21.92 -9.22 -6.68
C ALA B 122 -20.81 -8.82 -7.65
N ARG B 123 -19.70 -9.56 -7.56
CA ARG B 123 -18.50 -9.26 -8.32
C ARG B 123 -18.70 -9.65 -9.78
N THR B 124 -18.50 -8.69 -10.69
CA THR B 124 -18.51 -8.96 -12.12
C THR B 124 -17.17 -8.66 -12.78
N VAL B 125 -16.25 -7.99 -12.08
CA VAL B 125 -14.89 -7.76 -12.56
C VAL B 125 -13.96 -8.53 -11.64
N GLU B 126 -13.37 -9.60 -12.15
CA GLU B 126 -12.44 -10.38 -11.35
C GLU B 126 -11.13 -9.63 -11.15
N SER B 127 -10.42 -9.99 -10.08
CA SER B 127 -9.19 -9.29 -9.73
C SER B 127 -8.14 -9.42 -10.82
N ARG B 128 -8.05 -10.59 -11.46
CA ARG B 128 -7.03 -10.81 -12.47
C ARG B 128 -7.27 -9.96 -13.71
N GLN B 129 -8.53 -9.62 -14.01
CA GLN B 129 -8.80 -8.77 -15.17
C GLN B 129 -8.26 -7.37 -14.95
N ALA B 130 -8.57 -6.78 -13.78
CA ALA B 130 -8.00 -5.48 -13.44
C ALA B 130 -6.49 -5.55 -13.32
N GLN B 131 -5.95 -6.69 -12.86
CA GLN B 131 -4.50 -6.84 -12.80
C GLN B 131 -3.89 -6.79 -14.19
N ASP B 132 -4.52 -7.45 -15.17
CA ASP B 132 -4.04 -7.41 -16.53
C ASP B 132 -4.10 -5.99 -17.09
N LEU B 133 -5.20 -5.29 -16.84
CA LEU B 133 -5.30 -3.90 -17.27
C LEU B 133 -4.17 -3.05 -16.67
N ALA B 134 -3.96 -3.18 -15.36
CA ALA B 134 -2.92 -2.41 -14.69
C ALA B 134 -1.54 -2.75 -15.23
N ARG B 135 -1.30 -4.03 -15.51
CA ARG B 135 0.00 -4.43 -16.08
C ARG B 135 0.20 -3.79 -17.45
N SER B 136 -0.86 -3.73 -18.26
CA SER B 136 -0.75 -3.03 -19.53
C SER B 136 -0.42 -1.56 -19.32
N TYR B 137 -1.05 -0.93 -18.33
CA TYR B 137 -0.71 0.45 -18.00
C TYR B 137 0.63 0.56 -17.28
N GLY B 138 1.13 -0.54 -16.71
CA GLY B 138 2.32 -0.48 -15.88
C GLY B 138 2.11 0.27 -14.58
N ILE B 139 0.95 0.10 -13.96
CA ILE B 139 0.61 0.81 -12.72
C ILE B 139 0.07 -0.20 -11.71
N PRO B 140 0.11 0.13 -10.42
CA PRO B 140 -0.47 -0.77 -9.42
C PRO B 140 -1.98 -0.87 -9.54
N TYR B 141 -2.50 -2.01 -9.09
CA TYR B 141 -3.94 -2.22 -8.93
C TYR B 141 -4.23 -2.57 -7.48
N ILE B 142 -5.17 -1.85 -6.87
CA ILE B 142 -5.52 -2.04 -5.47
C ILE B 142 -7.04 -2.09 -5.34
N GLU B 143 -7.55 -3.05 -4.58
CA GLU B 143 -8.97 -3.14 -4.28
C GLU B 143 -9.26 -2.39 -2.98
N THR B 144 -10.31 -1.57 -3.01
CA THR B 144 -10.68 -0.76 -1.85
C THR B 144 -12.17 -0.92 -1.56
N SER B 145 -12.53 -0.64 -0.31
CA SER B 145 -13.92 -0.57 0.12
C SER B 145 -14.10 0.69 0.95
N ALA B 146 -14.84 1.67 0.41
CA ALA B 146 -15.15 2.86 1.18
C ALA B 146 -16.07 2.55 2.36
N LYS B 147 -16.82 1.45 2.30
CA LYS B 147 -17.68 1.06 3.42
C LYS B 147 -16.85 0.63 4.62
N THR B 148 -15.89 -0.26 4.41
CA THR B 148 -15.12 -0.86 5.49
C THR B 148 -13.74 -0.24 5.67
N ARG B 149 -13.41 0.80 4.89
CA ARG B 149 -12.13 1.49 4.89
C ARG B 149 -10.99 0.62 4.35
N GLN B 150 -11.27 -0.62 3.95
CA GLN B 150 -10.22 -1.50 3.44
C GLN B 150 -9.57 -0.92 2.20
N GLY B 151 -8.24 -0.82 2.22
CA GLY B 151 -7.47 -0.43 1.06
C GLY B 151 -7.46 1.04 0.71
N VAL B 152 -8.22 1.87 1.43
CA VAL B 152 -8.31 3.28 1.09
C VAL B 152 -6.97 3.98 1.31
N GLU B 153 -6.42 3.83 2.51
CA GLU B 153 -5.10 4.38 2.79
C GLU B 153 -4.06 3.79 1.84
N ASP B 154 -4.16 2.49 1.58
CA ASP B 154 -3.22 1.84 0.67
C ASP B 154 -3.29 2.47 -0.72
N ALA B 155 -4.50 2.67 -1.24
CA ALA B 155 -4.63 3.26 -2.58
C ALA B 155 -4.06 4.66 -2.63
N PHE B 156 -4.48 5.52 -1.69
CA PHE B 156 -4.02 6.91 -1.73
C PHE B 156 -2.51 7.03 -1.53
N TYR B 157 -1.96 6.27 -0.57
CA TYR B 157 -0.54 6.38 -0.29
C TYR B 157 0.29 5.74 -1.39
N THR B 158 -0.24 4.70 -2.05
CA THR B 158 0.44 4.15 -3.21
C THR B 158 0.46 5.15 -4.35
N LEU B 159 -0.63 5.91 -4.53
CA LEU B 159 -0.60 6.98 -5.54
C LEU B 159 0.45 8.03 -5.20
N VAL B 160 0.55 8.39 -3.92
CA VAL B 160 1.58 9.35 -3.49
C VAL B 160 2.97 8.79 -3.79
N ARG B 161 3.20 7.52 -3.48
CA ARG B 161 4.51 6.92 -3.72
C ARG B 161 4.81 6.82 -5.22
N GLU B 162 3.78 6.58 -6.04
CA GLU B 162 3.97 6.59 -7.48
C GLU B 162 4.38 7.97 -7.97
N ILE B 163 3.78 9.01 -7.39
CA ILE B 163 4.22 10.37 -7.68
C ILE B 163 5.67 10.55 -7.27
N ARG B 164 6.06 9.93 -6.15
CA ARG B 164 7.43 10.06 -5.66
C ARG B 164 8.45 9.51 -6.65
N GLN B 165 8.11 8.43 -7.35
CA GLN B 165 9.05 7.82 -8.27
C GLN B 165 9.37 8.70 -9.47
N HIS B 166 8.62 9.78 -9.67
CA HIS B 166 8.96 10.77 -10.68
C HIS B 166 9.89 11.83 -10.11
N MET C 1 -4.13 -22.11 -6.79
CA MET C 1 -4.00 -20.67 -6.57
C MET C 1 -2.65 -20.17 -7.06
N THR C 2 -2.34 -18.91 -6.74
CA THR C 2 -1.11 -18.26 -7.17
C THR C 2 -0.12 -18.21 -6.02
N GLU C 3 1.12 -18.63 -6.29
CA GLU C 3 2.18 -18.67 -5.28
C GLU C 3 3.21 -17.60 -5.63
N TYR C 4 3.46 -16.69 -4.69
CA TYR C 4 4.44 -15.63 -4.85
C TYR C 4 5.66 -15.95 -4.00
N LYS C 5 6.83 -16.02 -4.64
CA LYS C 5 8.09 -16.33 -3.98
C LYS C 5 8.80 -15.01 -3.66
N LEU C 6 8.87 -14.66 -2.38
CA LEU C 6 9.50 -13.44 -1.92
C LEU C 6 10.78 -13.77 -1.15
N VAL C 7 11.79 -12.94 -1.32
CA VAL C 7 13.07 -13.11 -0.63
C VAL C 7 13.38 -11.81 0.11
N VAL C 8 13.64 -11.91 1.40
CA VAL C 8 13.95 -10.76 2.24
C VAL C 8 15.45 -10.75 2.51
N VAL C 9 16.11 -9.69 2.03
CA VAL C 9 17.56 -9.54 2.10
C VAL C 9 17.88 -8.17 2.69
N GLY C 10 19.03 -8.08 3.35
CA GLY C 10 19.42 -6.85 4.02
C GLY C 10 20.77 -7.01 4.69
N ALA C 11 21.20 -5.91 5.32
CA ALA C 11 22.55 -5.85 5.87
C ALA C 11 22.76 -6.85 6.99
N GLY C 12 21.76 -7.03 7.86
CA GLY C 12 21.89 -7.91 8.99
C GLY C 12 21.72 -7.17 10.30
N GLY C 13 20.71 -7.54 11.08
CA GLY C 13 20.29 -6.76 12.22
C GLY C 13 19.32 -5.65 11.89
N VAL C 14 18.87 -5.56 10.64
CA VAL C 14 17.94 -4.51 10.24
C VAL C 14 16.48 -4.87 10.53
N GLY C 15 16.16 -6.16 10.67
CA GLY C 15 14.82 -6.55 11.03
C GLY C 15 14.12 -7.45 10.01
N LYS C 16 14.90 -8.14 9.18
CA LYS C 16 14.31 -9.07 8.21
C LYS C 16 13.51 -10.16 8.92
N SER C 17 14.14 -10.82 9.89
CA SER C 17 13.44 -11.86 10.66
C SER C 17 12.27 -11.26 11.43
N ALA C 18 12.47 -10.08 12.03
CA ALA C 18 11.40 -9.43 12.77
C ALA C 18 10.22 -9.10 11.86
N LEU C 19 10.50 -8.55 10.67
CA LEU C 19 9.43 -8.21 9.74
C LEU C 19 8.67 -9.45 9.29
N THR C 20 9.41 -10.51 8.93
CA THR C 20 8.75 -11.72 8.45
C THR C 20 7.92 -12.38 9.55
N ILE C 21 8.46 -12.43 10.77
CA ILE C 21 7.71 -13.02 11.88
C ILE C 21 6.50 -12.16 12.21
N GLN C 22 6.63 -10.84 12.09
CA GLN C 22 5.51 -9.95 12.31
C GLN C 22 4.40 -10.20 11.30
N LEU C 23 4.78 -10.41 10.03
CA LEU C 23 3.77 -10.69 9.01
C LEU C 23 3.12 -12.05 9.22
N ILE C 24 3.90 -13.05 9.63
CA ILE C 24 3.40 -14.42 9.66
C ILE C 24 2.61 -14.68 10.94
N GLN C 25 3.23 -14.44 12.09
CA GLN C 25 2.65 -14.76 13.39
C GLN C 25 2.01 -13.56 14.09
N ASN C 26 2.07 -12.37 13.51
CA ASN C 26 1.57 -11.15 14.14
C ASN C 26 2.22 -10.93 15.51
N HIS C 27 3.52 -11.19 15.58
CA HIS C 27 4.27 -11.08 16.82
C HIS C 27 5.60 -10.38 16.54
N PHE C 28 6.14 -9.71 17.56
CA PHE C 28 7.44 -9.07 17.48
C PHE C 28 8.37 -9.73 18.49
N VAL C 29 9.54 -10.16 18.02
CA VAL C 29 10.53 -10.84 18.85
C VAL C 29 11.66 -9.85 19.15
N ASP C 30 11.89 -9.59 20.44
CA ASP C 30 12.94 -8.67 20.86
C ASP C 30 14.14 -9.48 21.34
N GLU C 31 14.86 -10.05 20.37
CA GLU C 31 16.11 -10.75 20.62
C GLU C 31 16.81 -10.96 19.29
N TYR C 32 18.13 -10.76 19.28
CA TYR C 32 18.92 -10.90 18.06
C TYR C 32 19.38 -12.35 17.95
N ASP C 33 18.63 -13.13 17.17
CA ASP C 33 19.04 -14.48 16.80
C ASP C 33 19.40 -14.45 15.31
N PRO C 34 20.67 -14.47 14.95
CA PRO C 34 21.04 -14.32 13.54
C PRO C 34 20.46 -15.43 12.67
N THR C 35 20.07 -15.05 11.46
CA THR C 35 19.42 -15.96 10.52
C THR C 35 20.44 -16.54 9.56
N ILE C 36 20.25 -17.82 9.21
CA ILE C 36 21.01 -18.48 8.16
C ILE C 36 20.16 -18.65 6.90
N GLU C 37 19.04 -19.34 7.02
CA GLU C 37 18.09 -19.51 5.92
C GLU C 37 16.76 -19.96 6.49
N ASP C 38 15.72 -19.13 6.39
CA ASP C 38 14.42 -19.51 6.93
C ASP C 38 13.36 -19.35 5.86
N SER C 39 12.40 -20.28 5.82
CA SER C 39 11.33 -20.24 4.83
C SER C 39 9.98 -20.38 5.52
N TYR C 40 9.01 -19.62 5.04
CA TYR C 40 7.67 -19.60 5.61
C TYR C 40 6.64 -19.58 4.48
N ARG C 41 5.49 -20.18 4.74
CA ARG C 41 4.36 -20.16 3.82
C ARG C 41 3.15 -19.58 4.52
N LYS C 42 2.43 -18.70 3.83
CA LYS C 42 1.22 -18.12 4.41
C LYS C 42 0.17 -17.88 3.33
N GLN C 43 -1.05 -18.35 3.58
CA GLN C 43 -2.15 -18.11 2.67
C GLN C 43 -2.87 -16.83 3.07
N VAL C 44 -2.84 -15.84 2.18
CA VAL C 44 -3.44 -14.53 2.43
C VAL C 44 -4.36 -14.20 1.26
N VAL C 45 -5.13 -13.13 1.44
CA VAL C 45 -5.99 -12.59 0.39
C VAL C 45 -5.49 -11.18 0.08
N ILE C 46 -4.97 -10.99 -1.12
CA ILE C 46 -4.49 -9.69 -1.56
C ILE C 46 -5.32 -9.26 -2.76
N ASP C 47 -5.95 -8.09 -2.66
CA ASP C 47 -6.73 -7.50 -3.75
C ASP C 47 -7.77 -8.47 -4.28
N GLY C 48 -8.46 -9.14 -3.36
CA GLY C 48 -9.50 -10.06 -3.73
C GLY C 48 -9.04 -11.37 -4.32
N GLU C 49 -7.73 -11.64 -4.30
CA GLU C 49 -7.17 -12.88 -4.82
C GLU C 49 -6.54 -13.65 -3.67
N THR C 50 -6.97 -14.89 -3.49
CA THR C 50 -6.39 -15.78 -2.50
C THR C 50 -5.06 -16.28 -3.05
N CYS C 51 -3.95 -15.83 -2.46
CA CYS C 51 -2.63 -16.20 -2.92
C CYS C 51 -1.80 -16.68 -1.74
N LEU C 52 -0.79 -17.48 -2.04
CA LEU C 52 0.09 -18.06 -1.04
C LEU C 52 1.47 -17.45 -1.18
N LEU C 53 2.02 -16.96 -0.07
CA LEU C 53 3.31 -16.30 -0.03
C LEU C 53 4.35 -17.26 0.53
N ASP C 54 5.40 -17.51 -0.25
CA ASP C 54 6.55 -18.29 0.17
C ASP C 54 7.69 -17.29 0.41
N ILE C 55 7.95 -16.98 1.69
CA ILE C 55 8.88 -15.94 2.07
C ILE C 55 10.16 -16.59 2.58
N LEU C 56 11.30 -16.12 2.08
CA LEU C 56 12.61 -16.62 2.47
C LEU C 56 13.39 -15.51 3.15
N ASP C 57 13.54 -15.62 4.46
CA ASP C 57 14.40 -14.73 5.24
C ASP C 57 15.85 -15.17 5.07
N THR C 58 16.71 -14.27 4.60
CA THR C 58 18.09 -14.61 4.32
C THR C 58 19.02 -14.15 5.44
N ALA C 59 20.30 -14.47 5.28
CA ALA C 59 21.34 -14.06 6.20
C ALA C 59 21.92 -12.72 5.77
N GLY C 60 22.13 -11.83 6.74
CA GLY C 60 22.67 -10.53 6.46
C GLY C 60 24.19 -10.47 6.47
N GLN C 61 24.80 -11.30 7.31
CA GLN C 61 26.26 -11.27 7.47
C GLN C 61 26.94 -11.74 6.19
N GLU C 62 28.14 -11.19 5.95
CA GLU C 62 28.91 -11.52 4.76
C GLU C 62 29.47 -12.93 4.79
N GLU C 63 29.39 -13.62 5.93
CA GLU C 63 29.84 -15.01 5.99
C GLU C 63 29.09 -15.88 5.00
N TYR C 64 27.84 -15.54 4.72
CA TYR C 64 27.02 -16.25 3.74
C TYR C 64 26.80 -15.31 2.56
N SER C 65 27.70 -15.38 1.58
CA SER C 65 27.63 -14.55 0.39
C SER C 65 27.52 -15.33 -0.90
N ALA C 66 28.11 -16.52 -0.98
CA ALA C 66 27.95 -17.37 -2.15
C ALA C 66 26.61 -18.10 -2.17
N MET C 67 25.97 -18.26 -1.00
CA MET C 67 24.65 -18.86 -0.95
C MET C 67 23.59 -17.95 -1.56
N ARG C 68 23.91 -16.66 -1.75
CA ARG C 68 22.93 -15.72 -2.27
C ARG C 68 22.53 -16.06 -3.70
N ASP C 69 23.47 -16.52 -4.52
CA ASP C 69 23.23 -16.69 -5.95
C ASP C 69 22.02 -17.60 -6.21
N GLN C 70 21.97 -18.75 -5.53
CA GLN C 70 20.90 -19.70 -5.77
C GLN C 70 19.53 -19.13 -5.40
N TYR C 71 19.41 -18.61 -4.17
CA TYR C 71 18.11 -18.16 -3.70
C TYR C 71 17.66 -16.87 -4.40
N MET C 72 18.60 -16.11 -4.95
CA MET C 72 18.24 -14.98 -5.80
C MET C 72 17.99 -15.38 -7.24
N ARG C 73 18.41 -16.56 -7.65
CA ARG C 73 17.97 -17.09 -8.93
C ARG C 73 16.55 -17.62 -8.85
N THR C 74 16.21 -18.31 -7.76
CA THR C 74 14.86 -18.84 -7.61
C THR C 74 13.86 -17.80 -7.09
N GLY C 75 14.33 -16.67 -6.56
CA GLY C 75 13.41 -15.69 -6.03
C GLY C 75 12.65 -14.95 -7.11
N GLU C 76 11.44 -14.51 -6.76
CA GLU C 76 10.59 -13.75 -7.67
C GLU C 76 10.50 -12.28 -7.29
N GLY C 77 10.21 -11.98 -6.04
CA GLY C 77 10.24 -10.61 -5.55
C GLY C 77 11.24 -10.45 -4.44
N PHE C 78 11.76 -9.24 -4.23
CA PHE C 78 12.86 -9.03 -3.30
C PHE C 78 12.57 -7.83 -2.41
N LEU C 79 12.53 -8.07 -1.10
CA LEU C 79 12.44 -7.01 -0.10
C LEU C 79 13.85 -6.65 0.34
N CYS C 80 14.34 -5.50 -0.15
CA CYS C 80 15.64 -4.98 0.25
C CYS C 80 15.45 -4.08 1.47
N VAL C 81 15.90 -4.55 2.64
CA VAL C 81 15.59 -3.92 3.90
C VAL C 81 16.85 -3.29 4.48
N PHE C 82 16.73 -2.05 4.94
CA PHE C 82 17.71 -1.41 5.80
C PHE C 82 16.99 -0.86 7.02
N ALA C 83 17.75 -0.29 7.95
CA ALA C 83 17.19 0.33 9.15
C ALA C 83 17.47 1.82 9.12
N ILE C 84 16.45 2.62 9.42
CA ILE C 84 16.60 4.07 9.39
C ILE C 84 17.55 4.59 10.45
N ASN C 85 17.92 3.75 11.43
CA ASN C 85 18.90 4.10 12.44
C ASN C 85 20.26 3.47 12.17
N ASN C 86 20.49 2.99 10.95
CA ASN C 86 21.72 2.28 10.59
C ASN C 86 22.16 2.80 9.20
N THR C 87 23.00 3.82 9.20
CA THR C 87 23.46 4.41 7.94
C THR C 87 24.22 3.40 7.10
N LYS C 88 25.08 2.60 7.74
CA LYS C 88 25.84 1.60 7.00
C LYS C 88 24.90 0.57 6.36
N SER C 89 23.82 0.22 7.05
CA SER C 89 22.85 -0.71 6.46
C SER C 89 22.20 -0.10 5.22
N PHE C 90 21.94 1.20 5.25
CA PHE C 90 21.44 1.88 4.05
C PHE C 90 22.47 1.83 2.93
N GLU C 91 23.74 2.06 3.27
CA GLU C 91 24.80 2.03 2.26
C GLU C 91 25.06 0.63 1.73
N ASP C 92 24.57 -0.41 2.42
CA ASP C 92 24.78 -1.79 2.00
C ASP C 92 23.73 -2.31 1.03
N ILE C 93 22.67 -1.53 0.78
CA ILE C 93 21.59 -1.99 -0.10
C ILE C 93 22.09 -2.18 -1.52
N HIS C 94 22.92 -1.25 -2.00
CA HIS C 94 23.29 -1.23 -3.41
C HIS C 94 23.96 -2.52 -3.84
N GLN C 95 24.77 -3.12 -2.96
CA GLN C 95 25.43 -4.38 -3.34
C GLN C 95 24.42 -5.51 -3.50
N TYR C 96 23.42 -5.57 -2.63
CA TYR C 96 22.36 -6.56 -2.78
C TYR C 96 21.60 -6.35 -4.09
N ARG C 97 21.26 -5.10 -4.39
CA ARG C 97 20.52 -4.81 -5.63
C ARG C 97 21.37 -5.17 -6.86
N GLU C 98 22.66 -4.85 -6.84
CA GLU C 98 23.52 -5.15 -7.98
C GLU C 98 23.70 -6.65 -8.15
N GLN C 99 23.81 -7.39 -7.05
CA GLN C 99 23.91 -8.85 -7.17
C GLN C 99 22.61 -9.43 -7.72
N ILE C 100 21.46 -8.88 -7.31
CA ILE C 100 20.19 -9.32 -7.87
C ILE C 100 20.14 -9.03 -9.37
N LYS C 101 20.60 -7.85 -9.77
CA LYS C 101 20.66 -7.50 -11.18
C LYS C 101 21.55 -8.47 -11.95
N ARG C 102 22.67 -8.87 -11.35
CA ARG C 102 23.58 -9.80 -12.01
C ARG C 102 22.95 -11.18 -12.15
N VAL C 103 22.39 -11.71 -11.07
CA VAL C 103 21.88 -13.09 -11.08
C VAL C 103 20.66 -13.19 -11.99
N LYS C 104 19.72 -12.25 -11.86
CA LYS C 104 18.57 -12.24 -12.75
C LYS C 104 18.94 -11.84 -14.17
N ASP C 105 20.07 -11.15 -14.35
CA ASP C 105 20.48 -10.59 -15.64
C ASP C 105 19.36 -9.72 -16.24
N SER C 106 18.74 -8.91 -15.38
CA SER C 106 17.66 -8.02 -15.81
C SER C 106 17.61 -6.83 -14.86
N ASP C 107 17.20 -5.69 -15.41
CA ASP C 107 16.99 -4.48 -14.63
C ASP C 107 15.59 -4.37 -14.07
N ASP C 108 14.69 -5.27 -14.44
CA ASP C 108 13.27 -5.19 -14.09
C ASP C 108 12.88 -6.22 -13.04
N VAL C 109 13.76 -6.49 -12.09
CA VAL C 109 13.45 -7.43 -11.01
C VAL C 109 12.50 -6.75 -10.03
N PRO C 110 11.36 -7.36 -9.71
CA PRO C 110 10.42 -6.74 -8.76
C PRO C 110 11.06 -6.63 -7.38
N MET C 111 11.14 -5.39 -6.88
CA MET C 111 11.76 -5.12 -5.59
C MET C 111 11.03 -3.98 -4.90
N VAL C 112 11.17 -3.93 -3.58
CA VAL C 112 10.69 -2.83 -2.76
C VAL C 112 11.79 -2.47 -1.77
N LEU C 113 12.15 -1.19 -1.70
CA LEU C 113 13.10 -0.72 -0.72
C LEU C 113 12.36 -0.42 0.58
N VAL C 114 12.81 -1.03 1.67
CA VAL C 114 12.11 -0.96 2.95
C VAL C 114 13.01 -0.31 3.97
N GLY C 115 12.53 0.77 4.59
CA GLY C 115 13.20 1.38 5.72
C GLY C 115 12.60 0.93 7.03
N ASN C 116 13.27 0.00 7.72
CA ASN C 116 12.72 -0.61 8.92
C ASN C 116 13.07 0.21 10.16
N LYS C 117 12.49 -0.20 11.29
CA LYS C 117 12.73 0.42 12.60
C LYS C 117 12.32 1.90 12.61
N CYS C 118 11.27 2.24 11.86
CA CYS C 118 10.81 3.62 11.83
C CYS C 118 10.15 4.04 13.13
N ASP C 119 9.91 3.11 14.06
CA ASP C 119 9.45 3.46 15.39
C ASP C 119 10.53 4.13 16.22
N LEU C 120 11.81 3.91 15.89
CA LEU C 120 12.90 4.53 16.62
C LEU C 120 13.08 5.99 16.22
N ALA C 121 13.62 6.79 17.15
CA ALA C 121 13.83 8.21 16.93
C ALA C 121 15.27 8.56 16.59
N ALA C 122 16.18 7.60 16.61
CA ALA C 122 17.58 7.84 16.25
C ALA C 122 17.78 7.65 14.75
N ARG C 123 17.04 8.43 13.98
CA ARG C 123 17.04 8.30 12.53
C ARG C 123 18.27 8.99 11.93
N THR C 124 19.10 8.20 11.26
CA THR C 124 20.23 8.73 10.52
C THR C 124 20.08 8.65 9.02
N VAL C 125 19.03 7.99 8.54
CA VAL C 125 18.71 7.92 7.12
C VAL C 125 17.42 8.70 6.91
N GLU C 126 17.52 9.91 6.36
CA GLU C 126 16.34 10.68 6.04
C GLU C 126 15.51 9.98 4.98
N SER C 127 14.19 10.20 5.03
CA SER C 127 13.30 9.54 4.07
C SER C 127 13.61 9.96 2.64
N ARG C 128 14.03 11.20 2.42
CA ARG C 128 14.29 11.67 1.06
C ARG C 128 15.48 10.94 0.43
N GLN C 129 16.49 10.58 1.23
CA GLN C 129 17.63 9.83 0.68
C GLN C 129 17.18 8.47 0.16
N ALA C 130 16.41 7.75 0.97
CA ALA C 130 15.89 6.45 0.53
C ALA C 130 14.94 6.60 -0.65
N GLN C 131 14.16 7.69 -0.68
CA GLN C 131 13.29 7.94 -1.82
C GLN C 131 14.11 8.15 -3.09
N ASP C 132 15.21 8.90 -3.00
CA ASP C 132 16.08 9.10 -4.17
C ASP C 132 16.69 7.79 -4.63
N LEU C 133 17.14 6.95 -3.68
CA LEU C 133 17.69 5.65 -4.06
C LEU C 133 16.64 4.80 -4.76
N ALA C 134 15.43 4.75 -4.21
CA ALA C 134 14.36 3.96 -4.81
C ALA C 134 13.99 4.49 -6.19
N ARG C 135 13.99 5.82 -6.35
CA ARG C 135 13.70 6.42 -7.65
C ARG C 135 14.75 6.04 -8.67
N SER C 136 16.02 6.03 -8.26
CA SER C 136 17.06 5.57 -9.18
C SER C 136 16.85 4.12 -9.55
N TYR C 137 16.44 3.28 -8.58
CA TYR C 137 16.07 1.92 -8.91
C TYR C 137 14.74 1.83 -9.63
N GLY C 138 13.90 2.87 -9.54
CA GLY C 138 12.56 2.79 -10.06
C GLY C 138 11.67 1.81 -9.32
N ILE C 139 11.78 1.76 -8.00
CA ILE C 139 10.99 0.85 -7.18
C ILE C 139 10.36 1.65 -6.05
N PRO C 140 9.28 1.12 -5.45
CA PRO C 140 8.69 1.79 -4.28
C PRO C 140 9.63 1.74 -3.09
N TYR C 141 9.52 2.77 -2.25
CA TYR C 141 10.16 2.81 -0.94
C TYR C 141 9.07 2.94 0.13
N ILE C 142 9.11 2.07 1.13
CA ILE C 142 8.14 2.04 2.20
C ILE C 142 8.86 1.94 3.53
N GLU C 143 8.41 2.74 4.51
CA GLU C 143 8.95 2.69 5.86
C GLU C 143 8.11 1.74 6.71
N THR C 144 8.77 0.86 7.45
CA THR C 144 8.10 -0.15 8.24
C THR C 144 8.64 -0.17 9.66
N SER C 145 7.84 -0.70 10.57
CA SER C 145 8.25 -0.99 11.94
C SER C 145 7.74 -2.39 12.29
N ALA C 146 8.65 -3.36 12.37
CA ALA C 146 8.25 -4.70 12.79
C ALA C 146 7.77 -4.73 14.23
N LYS C 147 8.19 -3.75 15.05
CA LYS C 147 7.77 -3.72 16.45
C LYS C 147 6.32 -3.30 16.60
N THR C 148 5.87 -2.34 15.79
CA THR C 148 4.54 -1.77 15.93
C THR C 148 3.59 -2.17 14.80
N ARG C 149 4.01 -3.06 13.90
CA ARG C 149 3.25 -3.54 12.75
C ARG C 149 3.12 -2.50 11.65
N GLN C 150 3.64 -1.29 11.84
CA GLN C 150 3.42 -0.22 10.87
C GLN C 150 4.10 -0.55 9.54
N GLY C 151 3.30 -0.66 8.48
CA GLY C 151 3.81 -0.77 7.14
C GLY C 151 4.28 -2.14 6.70
N VAL C 152 4.21 -3.15 7.57
CA VAL C 152 4.71 -4.48 7.22
C VAL C 152 3.82 -5.11 6.14
N GLU C 153 2.51 -5.13 6.38
CA GLU C 153 1.58 -5.63 5.37
C GLU C 153 1.68 -4.82 4.09
N ASP C 154 1.80 -3.49 4.23
CA ASP C 154 1.95 -2.65 3.05
C ASP C 154 3.20 -3.01 2.26
N ALA C 155 4.33 -3.22 2.95
CA ALA C 155 5.57 -3.55 2.25
C ALA C 155 5.45 -4.86 1.50
N PHE C 156 5.00 -5.92 2.19
CA PHE C 156 4.89 -7.23 1.54
C PHE C 156 3.90 -7.21 0.39
N TYR C 157 2.74 -6.58 0.60
CA TYR C 157 1.71 -6.57 -0.45
C TYR C 157 2.11 -5.68 -1.61
N THR C 158 2.87 -4.62 -1.36
CA THR C 158 3.43 -3.83 -2.44
C THR C 158 4.42 -4.65 -3.26
N LEU C 159 5.23 -5.48 -2.59
CA LEU C 159 6.11 -6.38 -3.33
C LEU C 159 5.30 -7.34 -4.19
N VAL C 160 4.19 -7.85 -3.65
CA VAL C 160 3.34 -8.75 -4.43
C VAL C 160 2.77 -8.03 -5.65
N ARG C 161 2.29 -6.80 -5.46
CA ARG C 161 1.74 -6.04 -6.57
C ARG C 161 2.81 -5.72 -7.61
N GLU C 162 4.04 -5.44 -7.16
CA GLU C 162 5.15 -5.23 -8.10
C GLU C 162 5.43 -6.50 -8.90
N ILE C 163 5.35 -7.66 -8.26
CA ILE C 163 5.44 -8.93 -8.98
C ILE C 163 4.34 -9.00 -10.02
N ARG C 164 3.12 -8.59 -9.65
CA ARG C 164 1.99 -8.63 -10.58
C ARG C 164 2.24 -7.74 -11.80
N GLN C 165 2.85 -6.57 -11.59
CA GLN C 165 3.07 -5.65 -12.70
C GLN C 165 4.00 -6.25 -13.75
N HIS C 166 4.88 -7.17 -13.35
CA HIS C 166 5.80 -7.79 -14.29
C HIS C 166 5.27 -9.15 -14.77
N ASN D 9 31.08 -22.10 5.44
CA ASN D 9 31.17 -23.23 4.52
C ASN D 9 29.85 -23.43 3.77
N PRO D 10 29.77 -22.90 2.55
CA PRO D 10 28.52 -22.98 1.78
C PRO D 10 28.37 -24.22 0.92
N GLU D 11 29.40 -25.06 0.80
CA GLU D 11 29.32 -26.24 -0.04
C GLU D 11 28.78 -27.46 0.72
N MET D 12 29.13 -27.59 2.00
CA MET D 12 28.65 -28.73 2.78
C MET D 12 27.13 -28.67 2.97
N LEU D 13 26.58 -27.47 3.17
CA LEU D 13 25.15 -27.33 3.40
C LEU D 13 24.33 -27.52 2.14
N GLU D 14 24.96 -27.45 0.96
CA GLU D 14 24.21 -27.55 -0.29
C GLU D 14 23.50 -28.90 -0.41
N GLU D 15 24.23 -29.99 -0.17
CA GLU D 15 23.62 -31.31 -0.25
C GLU D 15 22.89 -31.70 1.02
N MET D 16 23.14 -31.00 2.14
CA MET D 16 22.53 -31.36 3.41
C MET D 16 21.02 -31.20 3.39
N LYS D 17 20.48 -30.35 2.52
CA LYS D 17 19.05 -30.13 2.44
C LYS D 17 18.37 -30.94 1.35
N ARG D 18 19.12 -31.40 0.34
CA ARG D 18 18.52 -32.16 -0.76
C ARG D 18 17.99 -33.50 -0.27
N GLU D 19 18.85 -34.33 0.31
CA GLU D 19 18.41 -35.60 0.87
C GLU D 19 17.43 -35.38 2.02
N ALA D 20 17.60 -34.30 2.77
CA ALA D 20 16.64 -33.96 3.82
C ALA D 20 15.26 -33.69 3.23
N GLU D 21 15.21 -32.92 2.13
CA GLU D 21 13.93 -32.66 1.47
C GLU D 21 13.32 -33.94 0.91
N ARG D 22 14.16 -34.81 0.34
CA ARG D 22 13.64 -36.09 -0.17
C ARG D 22 13.07 -36.94 0.94
N LEU D 23 13.76 -37.02 2.08
CA LEU D 23 13.26 -37.79 3.21
C LEU D 23 11.97 -37.18 3.76
N LYS D 24 11.90 -35.85 3.82
CA LYS D 24 10.67 -35.20 4.29
C LYS D 24 9.51 -35.47 3.35
N ALA D 25 9.78 -35.52 2.04
CA ALA D 25 8.75 -35.92 1.10
C ALA D 25 8.32 -37.36 1.33
N GLU D 26 9.28 -38.25 1.62
CA GLU D 26 8.95 -39.63 1.96
C GLU D 26 8.19 -39.70 3.27
N VAL D 27 8.59 -38.92 4.27
CA VAL D 27 7.96 -38.91 5.58
C VAL D 27 6.64 -38.15 5.50
N PRO D 28 5.70 -38.38 6.41
CA PRO D 28 4.48 -37.56 6.45
C PRO D 28 4.81 -36.11 6.76
N GLU D 29 3.99 -35.20 6.22
CA GLU D 29 4.21 -33.77 6.47
C GLU D 29 4.05 -33.43 7.95
N ASP D 30 3.20 -34.15 8.67
CA ASP D 30 3.01 -33.91 10.09
C ASP D 30 4.24 -34.34 10.88
N VAL D 32 8.60 -34.04 10.75
CA VAL D 32 9.60 -32.97 10.72
C VAL D 32 10.99 -33.56 10.59
N CYS D 33 11.49 -33.64 9.37
CA CYS D 33 12.74 -34.36 9.09
C CYS D 33 13.93 -33.44 9.29
N VAL D 34 14.90 -33.88 10.10
CA VAL D 34 16.07 -33.08 10.42
C VAL D 34 17.33 -33.87 10.15
N VAL D 35 18.31 -33.22 9.54
CA VAL D 35 19.62 -33.80 9.26
C VAL D 35 20.65 -32.98 10.01
N VAL D 36 21.39 -33.62 10.90
CA VAL D 36 22.35 -32.94 11.76
C VAL D 36 23.76 -33.42 11.42
N ARG D 37 24.73 -32.52 11.53
CA ARG D 37 26.13 -32.85 11.29
C ARG D 37 26.99 -32.02 12.23
N THR D 38 27.75 -32.70 13.10
CA THR D 38 28.58 -32.04 14.10
C THR D 38 30.04 -32.16 13.70
N THR D 39 30.72 -31.02 13.59
CA THR D 39 32.15 -30.98 13.35
C THR D 39 32.89 -31.02 14.69
N GLU D 40 34.21 -31.09 14.62
CA GLU D 40 35.05 -31.23 15.81
C GLU D 40 36.02 -30.06 15.90
N VAL D 41 36.14 -29.49 17.10
CA VAL D 41 37.13 -28.46 17.39
C VAL D 41 37.91 -28.90 18.62
N SER D 42 38.09 -30.21 18.76
CA SER D 42 38.77 -30.87 19.88
C SER D 42 37.92 -30.83 21.14
N GLU D 43 38.50 -31.21 22.28
CA GLU D 43 37.75 -31.32 23.53
C GLU D 43 37.32 -29.97 24.08
N LYS D 44 37.85 -28.86 23.54
CA LYS D 44 37.50 -27.54 24.04
C LYS D 44 36.26 -26.94 23.38
N LYS D 45 35.99 -27.30 22.13
CA LYS D 45 34.86 -26.72 21.42
C LYS D 45 34.31 -27.74 20.42
N VAL D 46 33.03 -27.58 20.10
CA VAL D 46 32.35 -28.40 19.10
C VAL D 46 31.25 -27.57 18.49
N VAL D 47 31.10 -27.69 17.16
CA VAL D 47 30.09 -26.96 16.42
C VAL D 47 29.24 -27.97 15.65
N ALA D 48 28.06 -27.53 15.23
CA ALA D 48 27.13 -28.39 14.52
C ALA D 48 26.20 -27.58 13.64
N THR D 49 25.94 -28.08 12.44
CA THR D 49 24.99 -27.50 11.50
C THR D 49 23.87 -28.50 11.26
N ALA D 50 22.63 -28.01 11.30
CA ALA D 50 21.46 -28.87 11.17
C ALA D 50 20.47 -28.23 10.19
N VAL D 51 19.99 -29.04 9.26
CA VAL D 51 18.93 -28.63 8.33
C VAL D 51 17.63 -29.25 8.80
N LEU D 52 16.60 -28.43 8.96
CA LEU D 52 15.33 -28.83 9.52
C LEU D 52 14.24 -28.57 8.48
N VAL D 53 13.42 -29.58 8.20
CA VAL D 53 12.32 -29.45 7.24
C VAL D 53 11.03 -29.77 7.97
N PHE D 54 10.01 -28.93 7.75
CA PHE D 54 8.80 -28.83 8.55
C PHE D 54 7.58 -29.25 7.74
N SER D 55 6.40 -28.95 8.28
CA SER D 55 5.14 -29.44 7.72
C SER D 55 5.00 -29.10 6.24
N ASN D 56 4.95 -27.82 5.91
CA ASN D 56 4.91 -27.41 4.51
C ASN D 56 6.32 -27.51 3.95
N LYS D 57 6.54 -26.89 2.79
CA LYS D 57 7.86 -26.91 2.17
C LYS D 57 8.89 -26.17 3.00
N GLN D 58 8.46 -25.57 4.11
CA GLN D 58 9.28 -24.65 4.90
C GLN D 58 10.46 -25.35 5.55
N ARG D 59 11.54 -24.59 5.78
CA ARG D 59 12.82 -25.15 6.20
C ARG D 59 13.57 -24.10 7.03
N THR D 60 14.53 -24.59 7.82
CA THR D 60 15.39 -23.73 8.64
C THR D 60 16.76 -24.37 8.81
N VAL D 61 17.81 -23.57 8.64
CA VAL D 61 19.19 -24.00 8.91
C VAL D 61 19.61 -23.42 10.26
N ILE D 62 20.20 -24.27 11.10
CA ILE D 62 20.57 -23.88 12.45
C ILE D 62 22.03 -24.22 12.68
N TYR D 63 22.77 -23.29 13.28
CA TYR D 63 24.17 -23.49 13.63
C TYR D 63 24.34 -23.32 15.14
N ALA D 64 25.11 -24.22 15.74
CA ALA D 64 25.34 -24.19 17.18
C ALA D 64 26.81 -24.45 17.47
N GLU D 65 27.27 -23.95 18.62
CA GLU D 65 28.63 -24.17 19.07
C GLU D 65 28.66 -24.12 20.59
N GLY D 66 29.54 -24.93 21.17
CA GLY D 66 29.63 -24.98 22.62
C GLY D 66 30.87 -25.71 23.07
N GLU D 67 31.12 -25.67 24.37
CA GLU D 67 32.27 -26.37 24.93
C GLU D 67 32.18 -27.87 24.68
N ASN D 68 31.05 -28.49 25.05
CA ASN D 68 30.80 -29.90 24.79
C ASN D 68 29.62 -30.10 23.84
N ILE D 69 29.27 -31.37 23.65
CA ILE D 69 28.14 -31.74 22.80
C ILE D 69 26.80 -31.45 23.45
N LYS D 70 26.72 -31.47 24.78
CA LYS D 70 25.44 -31.17 25.43
C LYS D 70 25.02 -29.73 25.19
N GLU D 71 25.97 -28.79 25.20
CA GLU D 71 25.65 -27.41 24.85
C GLU D 71 25.16 -27.31 23.42
N VAL D 72 25.83 -28.00 22.50
CA VAL D 72 25.43 -27.96 21.09
C VAL D 72 24.01 -28.50 20.94
N ALA D 73 23.72 -29.63 21.58
CA ALA D 73 22.41 -30.25 21.45
C ALA D 73 21.33 -29.42 22.12
N ASP D 74 21.65 -28.79 23.26
CA ASP D 74 20.65 -27.96 23.93
C ASP D 74 20.36 -26.69 23.14
N LYS D 75 21.39 -26.07 22.56
CA LYS D 75 21.18 -24.92 21.69
C LYS D 75 20.37 -25.33 20.46
N LEU D 76 20.65 -26.51 19.91
CA LEU D 76 19.87 -27.00 18.78
C LEU D 76 18.41 -27.22 19.17
N ILE D 77 18.17 -27.74 20.37
CA ILE D 77 16.81 -27.94 20.86
C ILE D 77 16.10 -26.60 21.01
N LYS D 78 16.79 -25.61 21.55
CA LYS D 78 16.19 -24.27 21.67
C LYS D 78 15.85 -23.70 20.31
N GLY D 79 16.76 -23.87 19.33
CA GLY D 79 16.48 -23.39 17.99
C GLY D 79 15.31 -24.11 17.35
N LEU D 80 15.22 -25.42 17.54
CA LEU D 80 14.11 -26.19 17.00
C LEU D 80 12.79 -25.74 17.62
N LYS D 81 12.77 -25.53 18.94
CA LYS D 81 11.56 -25.05 19.59
C LYS D 81 11.17 -23.68 19.08
N LYS D 82 12.14 -22.78 18.91
CA LYS D 82 11.87 -21.45 18.38
C LYS D 82 11.30 -21.53 16.97
N ALA D 83 11.88 -22.37 16.12
CA ALA D 83 11.40 -22.51 14.75
C ALA D 83 9.99 -23.09 14.71
N LEU D 84 9.73 -24.11 15.54
CA LEU D 84 8.40 -24.71 15.56
C LEU D 84 7.35 -23.72 16.05
N LYS D 85 7.67 -22.93 17.08
CA LYS D 85 6.74 -21.92 17.56
C LYS D 85 6.51 -20.83 16.51
N VAL D 86 7.58 -20.40 15.84
CA VAL D 86 7.49 -19.33 14.86
C VAL D 86 6.69 -19.75 13.63
N ARG D 87 6.48 -21.05 13.43
CA ARG D 87 5.79 -21.55 12.25
C ARG D 87 4.36 -22.02 12.56
N ASN D 88 3.76 -21.51 13.64
CA ASN D 88 2.36 -21.78 13.97
C ASN D 88 2.08 -23.29 14.02
N GLN D 89 2.99 -24.04 14.62
CA GLN D 89 2.88 -25.48 14.73
C GLN D 89 3.22 -25.92 16.14
N GLU D 90 2.86 -27.16 16.46
CA GLU D 90 3.15 -27.77 17.74
C GLU D 90 4.27 -28.80 17.61
N LEU D 91 4.76 -29.25 18.76
CA LEU D 91 5.83 -30.25 18.76
C LEU D 91 5.35 -31.53 18.11
N LYS D 92 6.15 -32.07 17.19
CA LYS D 92 5.81 -33.26 16.43
C LYS D 92 6.98 -34.23 16.47
N LYS D 93 6.81 -35.37 15.80
CA LYS D 93 7.86 -36.37 15.75
C LYS D 93 9.05 -35.88 14.93
N VAL D 94 10.24 -36.26 15.35
CA VAL D 94 11.48 -35.88 14.67
C VAL D 94 12.32 -37.12 14.43
N LYS D 95 13.09 -37.09 13.35
CA LYS D 95 13.97 -38.20 12.97
C LYS D 95 15.32 -37.61 12.59
N LEU D 96 16.20 -37.48 13.58
CA LEU D 96 17.54 -36.95 13.33
C LEU D 96 18.34 -37.93 12.47
N VAL D 97 18.87 -37.45 11.36
CA VAL D 97 19.57 -38.30 10.40
C VAL D 97 20.85 -37.60 9.97
N CYS D 98 21.58 -38.26 9.06
CA CYS D 98 22.82 -37.75 8.49
C CYS D 98 23.21 -38.56 7.26
N TYR D 100 26.26 -39.09 5.37
CA TYR D 100 27.57 -39.54 5.82
C TYR D 100 27.42 -40.63 6.87
N PRO D 101 28.43 -41.50 7.00
CA PRO D 101 28.41 -42.50 8.06
C PRO D 101 28.27 -41.84 9.43
N MET D 102 27.42 -42.43 10.27
CA MET D 102 27.09 -41.84 11.56
C MET D 102 28.33 -41.80 12.45
N GLY D 103 28.78 -40.60 12.79
CA GLY D 103 30.02 -40.41 13.50
C GLY D 103 29.88 -40.36 15.00
N PRO D 104 30.98 -40.10 15.70
CA PRO D 104 30.94 -40.08 17.17
C PRO D 104 30.08 -38.96 17.73
N LYS D 105 30.40 -37.72 17.33
CA LYS D 105 29.60 -36.58 17.76
C LYS D 105 28.18 -36.69 17.24
N ASP D 106 27.99 -37.28 16.06
CA ASP D 106 26.66 -37.51 15.54
C ASP D 106 25.84 -38.38 16.49
N LYS D 107 26.39 -39.52 16.89
CA LYS D 107 25.66 -40.43 17.79
C LYS D 107 25.44 -39.80 19.15
N ALA D 108 26.46 -39.10 19.68
CA ALA D 108 26.31 -38.47 20.98
C ALA D 108 25.22 -37.40 20.96
N LEU D 109 25.24 -36.55 19.94
CA LEU D 109 24.22 -35.51 19.81
C LEU D 109 22.84 -36.11 19.58
N MET D 110 22.77 -37.21 18.84
CA MET D 110 21.48 -37.88 18.64
C MET D 110 20.94 -38.41 19.96
N LYS D 111 21.79 -39.02 20.78
CA LYS D 111 21.35 -39.54 22.06
C LYS D 111 20.89 -38.42 22.99
N GLU D 112 21.68 -37.36 23.09
CA GLU D 112 21.31 -36.23 23.95
C GLU D 112 20.03 -35.56 23.45
N LEU D 113 19.90 -35.41 22.13
CA LEU D 113 18.69 -34.82 21.56
C LEU D 113 17.48 -35.68 21.87
N LYS D 114 17.57 -36.99 21.63
CA LYS D 114 16.44 -37.89 21.91
C LYS D 114 16.06 -37.84 23.38
N LYS D 115 17.04 -37.73 24.27
CA LYS D 115 16.73 -37.53 25.68
C LYS D 115 15.97 -36.22 25.90
N LYS D 116 16.38 -35.16 25.20
CA LYS D 116 15.74 -33.86 25.36
C LYS D 116 14.41 -33.74 24.62
N LEU D 117 14.07 -34.70 23.75
CA LEU D 117 12.80 -34.64 23.03
C LEU D 117 11.62 -34.78 23.96
N ALA D 118 11.75 -35.59 25.00
CA ALA D 118 10.71 -35.74 26.01
C ALA D 118 11.14 -35.09 27.31
PG GNP E . -20.28 10.63 -9.10
O1G GNP E . -20.12 11.78 -8.14
O2G GNP E . -21.52 10.86 -9.95
O3G GNP E . -19.03 10.52 -10.01
N3B GNP E . -20.46 9.19 -8.21
PB GNP E . -19.28 8.72 -7.16
O1B GNP E . -18.12 8.14 -7.93
O2B GNP E . -18.83 9.90 -6.34
O3A GNP E . -19.89 7.58 -6.16
PA GNP E . -20.28 7.88 -4.65
O1A GNP E . -21.32 9.00 -4.68
O2A GNP E . -19.08 8.12 -3.82
O5' GNP E . -20.98 6.53 -4.21
C5' GNP E . -22.31 6.19 -4.66
C4' GNP E . -22.83 5.17 -3.68
O4' GNP E . -21.97 4.01 -3.73
C3' GNP E . -22.80 5.64 -2.23
O3' GNP E . -24.07 6.17 -1.87
C2' GNP E . -22.49 4.36 -1.43
O2' GNP E . -23.66 3.83 -0.80
C1' GNP E . -21.93 3.39 -2.47
N9 GNP E . -20.54 2.98 -2.21
C8 GNP E . -19.41 3.72 -2.42
N7 GNP E . -18.31 3.10 -2.09
C5 GNP E . -18.74 1.85 -1.64
C6 GNP E . -18.01 0.72 -1.14
O6 GNP E . -16.79 0.60 -1.02
N1 GNP E . -18.85 -0.32 -0.79
C2 GNP E . -20.22 -0.31 -0.90
N2 GNP E . -20.87 -1.40 -0.51
N3 GNP E . -20.91 0.74 -1.35
C4 GNP E . -20.11 1.77 -1.71
MG MG F . -19.92 11.56 -5.83
PG GNP G . 20.30 -11.20 10.66
O1G GNP G . 21.72 -11.11 11.14
O2G GNP G . 20.25 -10.91 9.16
O3G GNP G . 19.74 -12.62 10.94
N3B GNP G . 19.33 -10.06 11.49
PB GNP G . 17.93 -9.53 10.85
O1B GNP G . 17.13 -10.68 10.30
O2B GNP G . 18.22 -8.55 9.74
O3A GNP G . 17.08 -8.76 12.02
PA GNP G . 16.54 -9.47 13.33
O1A GNP G . 15.02 -9.27 13.36
O2A GNP G . 16.99 -10.88 13.40
O5' GNP G . 17.21 -8.63 14.48
C5' GNP G . 17.18 -7.20 14.47
C4' GNP G . 17.21 -6.69 15.89
O4' GNP G . 16.53 -5.42 15.96
C3' GNP G . 16.49 -7.56 16.91
O3' GNP G . 17.00 -7.35 18.22
C2' GNP G . 15.05 -7.07 16.78
O2' GNP G . 14.31 -7.28 17.99
C1' GNP G . 15.24 -5.57 16.52
N9 GNP G . 14.26 -5.01 15.59
C8 GNP G . 13.89 -5.53 14.37
N7 GNP G . 12.99 -4.82 13.75
C5 GNP G . 12.73 -3.76 14.62
C6 GNP G . 11.83 -2.63 14.51
O6 GNP G . 11.07 -2.38 13.58
N1 GNP G . 11.91 -1.81 15.62
C2 GNP G . 12.72 -2.01 16.70
N2 GNP G . 12.65 -1.11 17.68
N3 GNP G . 13.55 -3.05 16.82
C4 GNP G . 13.51 -3.86 15.75
MG MG H . 17.76 -12.40 11.36
#